data_9L92
#
_entry.id   9L92
#
_cell.length_a   40.040
_cell.length_b   122.152
_cell.length_c   47.711
_cell.angle_alpha   90.00
_cell.angle_beta   93.27
_cell.angle_gamma   90.00
#
_symmetry.space_group_name_H-M   'P 1 21 1'
#
loop_
_entity.id
_entity.type
_entity.pdbx_description
1 polymer 'Ryanodine receptor 3'
2 non-polymer GLYCEROL
3 water water
#
_entity_poly.entity_id   1
_entity_poly.type   'polypeptide(L)'
_entity_poly.pdbx_seq_one_letter_code
;SFIPCPVDTSQVILPPHLEKIRDRLAENIHELWGMNKIELGWTFGKIRDDNKRQHPCLVEFSKLPETEKNYNLQMSTETL
KTLLALGCHIAHVNPAAEEDLKKVKLPKNYMMSNGYKPAPLDLSDVKLLPPQEILVDKLAENAHNVWAKDRIKQGWTYGI
QQDLKNKRNPRLVPYALLDERTKKSNRDSLREAVRTFVGYGYNIEPSDQELADSA
;
_entity_poly.pdbx_strand_id   A,B
#
loop_
_chem_comp.id
_chem_comp.type
_chem_comp.name
_chem_comp.formula
GOL non-polymer GLYCEROL 'C3 H8 O3'
#
# COMPACT_ATOMS: atom_id res chain seq x y z
N ILE A 3 -19.49 -4.97 -24.00
CA ILE A 3 -19.28 -4.11 -22.81
C ILE A 3 -17.96 -3.30 -22.87
N PRO A 4 -16.75 -3.82 -22.56
CA PRO A 4 -15.54 -3.01 -22.65
C PRO A 4 -15.16 -2.73 -24.11
N CYS A 5 -14.95 -1.46 -24.46
CA CYS A 5 -14.43 -1.03 -25.76
C CYS A 5 -13.06 -0.34 -25.59
N PRO A 6 -11.98 -1.11 -25.40
CA PRO A 6 -10.62 -0.55 -25.40
C PRO A 6 -10.30 0.09 -26.75
N VAL A 7 -9.35 1.02 -26.77
CA VAL A 7 -8.85 1.65 -27.98
C VAL A 7 -8.14 0.60 -28.83
N ASP A 8 -8.56 0.45 -30.09
CA ASP A 8 -7.99 -0.53 -30.99
C ASP A 8 -6.60 -0.07 -31.48
N THR A 9 -5.57 -0.78 -31.03
CA THR A 9 -4.16 -0.57 -31.41
C THR A 9 -3.65 -1.57 -32.44
N SER A 10 -4.48 -2.49 -32.94
CA SER A 10 -4.05 -3.59 -33.81
C SER A 10 -3.37 -3.13 -35.11
N GLN A 11 -3.86 -2.06 -35.72
CA GLN A 11 -3.30 -1.46 -36.94
C GLN A 11 -2.60 -0.13 -36.67
N VAL A 12 -2.12 0.08 -35.44
CA VAL A 12 -1.27 1.22 -35.08
C VAL A 12 0.17 0.74 -35.01
N ILE A 13 1.05 1.38 -35.75
CA ILE A 13 2.46 1.01 -35.86
C ILE A 13 3.25 1.88 -34.90
N LEU A 14 4.13 1.29 -34.08
CA LEU A 14 5.12 2.07 -33.36
C LEU A 14 6.23 2.49 -34.34
N PRO A 15 6.44 3.79 -34.59
CA PRO A 15 7.46 4.24 -35.52
C PRO A 15 8.86 4.11 -34.92
N PRO A 16 9.91 3.98 -35.75
CA PRO A 16 11.30 3.87 -35.28
C PRO A 16 11.72 4.94 -34.27
N HIS A 17 11.26 6.19 -34.42
CA HIS A 17 11.61 7.29 -33.51
C HIS A 17 11.12 7.13 -32.07
N LEU A 18 10.17 6.22 -31.81
CA LEU A 18 9.66 5.94 -30.45
C LEU A 18 10.17 4.63 -29.84
N GLU A 19 10.97 3.83 -30.55
CA GLU A 19 11.45 2.55 -30.05
C GLU A 19 12.38 2.70 -28.83
N LYS A 20 13.25 3.71 -28.82
CA LYS A 20 14.12 3.97 -27.67
C LYS A 20 13.33 4.40 -26.42
N ILE A 21 12.44 5.38 -26.51
CA ILE A 21 11.62 5.80 -25.36
C ILE A 21 10.68 4.68 -24.87
N ARG A 22 10.17 3.82 -25.75
CA ARG A 22 9.44 2.61 -25.39
C ARG A 22 10.27 1.69 -24.48
N ASP A 23 11.50 1.39 -24.85
CA ASP A 23 12.43 0.62 -24.03
C ASP A 23 12.74 1.29 -22.68
N ARG A 24 13.00 2.61 -22.67
CA ARG A 24 13.28 3.36 -21.43
C ARG A 24 12.08 3.37 -20.48
N LEU A 25 10.86 3.44 -21.00
CA LEU A 25 9.66 3.35 -20.19
C LEU A 25 9.50 1.99 -19.53
N ALA A 26 9.71 0.90 -20.29
CA ALA A 26 9.62 -0.45 -19.74
C ALA A 26 10.63 -0.66 -18.61
N GLU A 27 11.87 -0.21 -18.82
CA GLU A 27 12.93 -0.23 -17.82
C GLU A 27 12.55 0.53 -16.55
N ASN A 28 12.12 1.79 -16.63
CA ASN A 28 11.81 2.58 -15.44
C ASN A 28 10.56 2.07 -14.70
N ILE A 29 9.54 1.63 -15.42
CA ILE A 29 8.32 1.08 -14.83
C ILE A 29 8.62 -0.20 -14.03
N HIS A 30 9.56 -1.02 -14.49
CA HIS A 30 10.04 -2.17 -13.71
C HIS A 30 10.72 -1.76 -12.41
N GLU A 31 11.60 -0.76 -12.42
CA GLU A 31 12.27 -0.26 -11.22
C GLU A 31 11.28 0.30 -10.20
N LEU A 32 10.24 1.00 -10.66
CA LEU A 32 9.16 1.49 -9.82
C LEU A 32 8.30 0.35 -9.27
N TRP A 33 8.02 -0.67 -10.07
CA TRP A 33 7.32 -1.88 -9.61
C TRP A 33 8.09 -2.60 -8.51
N GLY A 34 9.38 -2.80 -8.70
CA GLY A 34 10.23 -3.46 -7.71
C GLY A 34 10.32 -2.66 -6.42
N MET A 35 10.52 -1.35 -6.52
CA MET A 35 10.53 -0.47 -5.35
C MET A 35 9.23 -0.56 -4.56
N ASN A 36 8.07 -0.50 -5.21
CA ASN A 36 6.79 -0.62 -4.54
C ASN A 36 6.62 -1.97 -3.83
N LYS A 37 6.99 -3.08 -4.48
CA LYS A 37 6.99 -4.41 -3.87
C LYS A 37 7.89 -4.49 -2.65
N ILE A 38 9.10 -3.97 -2.74
CA ILE A 38 10.08 -3.98 -1.63
C ILE A 38 9.58 -3.13 -0.45
N GLU A 39 8.95 -1.98 -0.70
CA GLU A 39 8.29 -1.18 0.34
C GLU A 39 7.17 -1.93 1.06
N LEU A 40 6.44 -2.76 0.34
CA LEU A 40 5.37 -3.60 0.88
C LEU A 40 5.87 -4.92 1.50
N GLY A 41 7.16 -5.06 1.74
CA GLY A 41 7.75 -6.22 2.43
C GLY A 41 8.10 -7.41 1.55
N TRP A 42 8.04 -7.27 0.23
CA TRP A 42 8.42 -8.35 -0.67
C TRP A 42 9.94 -8.49 -0.80
N THR A 43 10.38 -9.70 -1.10
CA THR A 43 11.79 -10.09 -1.24
C THR A 43 11.97 -11.04 -2.42
N PHE A 44 13.19 -11.21 -2.91
CA PHE A 44 13.45 -12.17 -3.98
C PHE A 44 13.23 -13.62 -3.51
N GLY A 45 12.63 -14.44 -4.37
CA GLY A 45 12.65 -15.90 -4.28
C GLY A 45 12.47 -16.53 -5.66
N LYS A 46 12.98 -17.74 -5.86
CA LYS A 46 12.99 -18.40 -7.17
C LYS A 46 11.61 -18.76 -7.73
N ILE A 47 10.60 -18.89 -6.87
CA ILE A 47 9.23 -19.16 -7.25
C ILE A 47 8.29 -18.15 -6.58
N ARG A 48 7.31 -17.62 -7.32
CA ARG A 48 6.38 -16.67 -6.77
C ARG A 48 5.54 -17.30 -5.66
N ASP A 49 5.46 -16.64 -4.51
CA ASP A 49 4.67 -17.07 -3.36
C ASP A 49 4.08 -15.83 -2.69
N ASP A 50 2.76 -15.67 -2.78
CA ASP A 50 2.04 -14.48 -2.32
C ASP A 50 1.95 -14.41 -0.78
N ASN A 51 1.75 -15.55 -0.12
CA ASN A 51 2.23 -15.76 1.23
C ASN A 51 3.75 -15.98 1.18
N LYS A 52 4.50 -15.59 2.20
CA LYS A 52 5.95 -15.27 2.13
C LYS A 52 6.31 -13.97 1.40
N ARG A 53 5.47 -13.45 0.50
CA ARG A 53 5.74 -12.23 -0.30
C ARG A 53 7.09 -12.33 -1.03
N GLN A 54 7.25 -13.38 -1.82
CA GLN A 54 8.46 -13.62 -2.62
C GLN A 54 8.12 -13.61 -4.09
N HIS A 55 8.94 -12.95 -4.90
CA HIS A 55 8.72 -12.83 -6.34
C HIS A 55 10.02 -13.00 -7.11
N PRO A 56 10.06 -13.82 -8.18
CA PRO A 56 11.27 -14.01 -8.98
C PRO A 56 11.62 -12.81 -9.88
N CYS A 57 10.70 -11.90 -10.16
CA CYS A 57 10.98 -10.71 -10.95
C CYS A 57 11.64 -9.58 -10.13
N LEU A 58 11.93 -9.75 -8.85
CA LEU A 58 12.77 -8.85 -8.06
C LEU A 58 14.26 -9.01 -8.43
N VAL A 59 14.57 -8.61 -9.65
CA VAL A 59 15.86 -8.75 -10.33
C VAL A 59 16.05 -7.60 -11.35
N GLU A 60 17.28 -7.39 -11.81
CA GLU A 60 17.60 -6.46 -12.90
C GLU A 60 16.73 -6.71 -14.14
N PHE A 61 16.32 -5.66 -14.85
CA PHE A 61 15.46 -5.80 -16.04
C PHE A 61 16.08 -6.71 -17.11
N SER A 62 17.39 -6.58 -17.35
CA SER A 62 18.15 -7.40 -18.29
C SER A 62 18.16 -8.88 -17.91
N LYS A 63 17.93 -9.22 -16.64
CA LYS A 63 17.96 -10.62 -16.19
C LYS A 63 16.58 -11.17 -15.81
N LEU A 64 15.51 -10.43 -16.11
CA LEU A 64 14.15 -10.97 -16.12
C LEU A 64 14.04 -12.17 -17.08
N PRO A 65 13.21 -13.17 -16.75
CA PRO A 65 12.87 -14.22 -17.70
C PRO A 65 12.13 -13.64 -18.92
N GLU A 66 12.40 -14.18 -20.10
CA GLU A 66 12.02 -13.58 -21.37
C GLU A 66 10.52 -13.31 -21.52
N THR A 67 9.66 -14.15 -20.98
CA THR A 67 8.20 -13.94 -21.06
C THR A 67 7.76 -12.68 -20.34
N GLU A 68 8.28 -12.42 -19.14
CA GLU A 68 7.98 -11.23 -18.33
C GLU A 68 8.65 -9.97 -18.91
N LYS A 69 9.89 -10.09 -19.39
CA LYS A 69 10.61 -9.02 -20.08
C LYS A 69 9.86 -8.56 -21.34
N ASN A 70 9.43 -9.49 -22.18
CA ASN A 70 8.58 -9.22 -23.34
C ASN A 70 7.25 -8.60 -22.93
N TYR A 71 6.59 -9.09 -21.89
CA TYR A 71 5.33 -8.51 -21.42
C TYR A 71 5.50 -7.05 -20.97
N ASN A 72 6.58 -6.72 -20.25
CA ASN A 72 6.87 -5.34 -19.88
C ASN A 72 7.06 -4.44 -21.11
N LEU A 73 7.84 -4.88 -22.10
CA LEU A 73 8.01 -4.17 -23.36
C LEU A 73 6.67 -4.04 -24.11
N GLN A 74 5.84 -5.07 -24.10
CA GLN A 74 4.50 -5.04 -24.70
C GLN A 74 3.62 -3.97 -24.06
N MET A 75 3.57 -3.91 -22.73
CA MET A 75 2.77 -2.91 -22.01
C MET A 75 3.20 -1.48 -22.33
N SER A 76 4.51 -1.24 -22.46
CA SER A 76 5.05 0.06 -22.86
C SER A 76 4.69 0.41 -24.31
N THR A 77 4.85 -0.52 -25.24
CA THR A 77 4.45 -0.38 -26.64
C THR A 77 2.96 -0.06 -26.77
N GLU A 78 2.10 -0.76 -26.03
CA GLU A 78 0.66 -0.53 -26.07
C GLU A 78 0.24 0.82 -25.49
N THR A 79 0.96 1.35 -24.52
CA THR A 79 0.71 2.68 -23.97
C THR A 79 1.00 3.76 -25.02
N LEU A 80 2.13 3.66 -25.72
CA LEU A 80 2.46 4.56 -26.82
C LEU A 80 1.50 4.38 -28.00
N LYS A 81 1.18 3.14 -28.40
CA LYS A 81 0.18 2.88 -29.45
C LYS A 81 -1.18 3.46 -29.08
N THR A 82 -1.59 3.40 -27.82
CA THR A 82 -2.86 4.00 -27.38
C THR A 82 -2.84 5.52 -27.51
N LEU A 83 -1.76 6.20 -27.11
CA LEU A 83 -1.64 7.65 -27.27
C LEU A 83 -1.74 8.07 -28.74
N LEU A 84 -1.03 7.37 -29.62
CA LEU A 84 -1.10 7.60 -31.06
C LEU A 84 -2.52 7.36 -31.60
N ALA A 85 -3.19 6.28 -31.20
CA ALA A 85 -4.53 5.94 -31.64
C ALA A 85 -5.59 6.97 -31.23
N LEU A 86 -5.45 7.53 -30.03
CA LEU A 86 -6.25 8.64 -29.51
C LEU A 86 -6.00 9.97 -30.24
N GLY A 87 -5.06 10.00 -31.19
CA GLY A 87 -4.72 11.21 -31.94
C GLY A 87 -3.80 12.17 -31.20
N CYS A 88 -3.19 11.76 -30.07
CA CYS A 88 -2.26 12.61 -29.33
C CYS A 88 -1.04 13.00 -30.17
N HIS A 89 -0.52 14.19 -29.87
CA HIS A 89 0.65 14.75 -30.54
C HIS A 89 1.87 14.62 -29.64
N ILE A 90 2.82 13.78 -30.07
CA ILE A 90 4.04 13.48 -29.33
C ILE A 90 5.22 14.14 -30.07
N ALA A 91 5.97 14.99 -29.38
CA ALA A 91 7.09 15.71 -29.95
C ALA A 91 8.27 15.71 -29.00
N HIS A 92 9.46 15.41 -29.51
CA HIS A 92 10.69 15.43 -28.73
C HIS A 92 11.29 16.84 -28.71
N VAL A 93 10.64 17.74 -27.97
CA VAL A 93 10.97 19.17 -27.94
C VAL A 93 12.25 19.51 -27.20
N ASN A 94 12.69 18.70 -26.24
CA ASN A 94 13.86 19.01 -25.42
C ASN A 94 14.76 17.78 -25.18
N PRO A 95 15.51 17.30 -26.19
CA PRO A 95 16.44 16.18 -26.03
C PRO A 95 17.44 16.34 -24.88
N ALA A 96 17.84 17.56 -24.55
CA ALA A 96 18.74 17.88 -23.44
C ALA A 96 18.17 17.59 -22.04
N ALA A 97 16.85 17.35 -21.89
CA ALA A 97 16.26 16.96 -20.61
C ALA A 97 16.80 15.60 -20.11
N GLU A 98 17.18 14.72 -21.03
CA GLU A 98 17.89 13.49 -20.74
C GLU A 98 19.27 13.71 -20.13
N GLU A 99 19.91 14.85 -20.33
CA GLU A 99 21.20 15.16 -19.72
C GLU A 99 21.08 15.38 -18.21
N ASP A 100 20.07 16.13 -17.78
CA ASP A 100 19.76 16.40 -16.38
C ASP A 100 19.00 15.27 -15.67
N LEU A 101 19.07 14.05 -16.20
CA LEU A 101 18.27 12.90 -15.78
C LEU A 101 19.14 11.87 -15.03
N LYS A 102 18.83 11.66 -13.74
CA LYS A 102 19.60 10.81 -12.83
C LYS A 102 18.72 9.75 -12.16
N LYS A 103 19.26 8.57 -11.85
CA LYS A 103 18.61 7.54 -11.03
C LYS A 103 18.72 7.88 -9.54
N VAL A 104 17.67 7.61 -8.75
CA VAL A 104 17.76 7.73 -7.30
C VAL A 104 18.64 6.63 -6.70
N LYS A 105 19.46 6.99 -5.73
CA LYS A 105 20.23 6.09 -4.89
C LYS A 105 19.41 5.71 -3.67
N LEU A 106 18.74 4.57 -3.71
CA LEU A 106 17.96 4.07 -2.58
C LEU A 106 18.88 3.60 -1.46
N PRO A 107 18.44 3.66 -0.19
CA PRO A 107 19.23 3.18 0.93
C PRO A 107 19.44 1.67 0.88
N LYS A 108 20.46 1.19 1.59
CA LYS A 108 20.98 -0.18 1.51
C LYS A 108 19.91 -1.23 1.74
N ASN A 109 18.91 -0.97 2.58
CA ASN A 109 17.84 -1.93 2.85
C ASN A 109 16.80 -2.11 1.72
N TYR A 110 16.88 -1.38 0.62
CA TYR A 110 16.15 -1.73 -0.60
C TYR A 110 16.84 -2.83 -1.41
N MET A 111 18.02 -3.31 -1.02
CA MET A 111 18.71 -4.34 -1.76
C MET A 111 18.25 -5.76 -1.41
N MET A 112 17.93 -6.53 -2.44
CA MET A 112 17.53 -7.92 -2.24
C MET A 112 18.72 -8.89 -2.18
N SER A 113 18.44 -10.13 -1.77
CA SER A 113 19.47 -11.15 -1.50
C SER A 113 20.29 -11.55 -2.74
N ASN A 114 19.77 -11.33 -3.95
CA ASN A 114 20.48 -11.49 -5.23
C ASN A 114 21.30 -10.25 -5.65
N GLY A 115 21.40 -9.24 -4.79
CA GLY A 115 22.12 -7.99 -5.04
C GLY A 115 21.36 -6.92 -5.83
N TYR A 116 20.16 -7.22 -6.35
CA TYR A 116 19.33 -6.24 -7.05
C TYR A 116 18.80 -5.16 -6.10
N LYS A 117 19.00 -3.89 -6.47
CA LYS A 117 18.40 -2.74 -5.80
C LYS A 117 17.74 -1.86 -6.85
N PRO A 118 16.44 -1.50 -6.74
CA PRO A 118 15.82 -0.62 -7.71
C PRO A 118 16.53 0.73 -7.83
N ALA A 119 16.57 1.27 -9.02
CA ALA A 119 17.14 2.58 -9.33
C ALA A 119 16.22 3.34 -10.30
N PRO A 120 15.01 3.73 -9.88
CA PRO A 120 14.11 4.48 -10.72
C PRO A 120 14.64 5.88 -10.95
N LEU A 121 14.20 6.53 -12.03
CA LEU A 121 14.59 7.89 -12.35
C LEU A 121 14.10 8.87 -11.27
N ASP A 122 14.94 9.86 -10.94
CA ASP A 122 14.54 10.97 -10.10
C ASP A 122 13.72 11.98 -10.90
N LEU A 123 12.41 11.80 -10.87
CA LEU A 123 11.43 12.64 -11.52
C LEU A 123 10.76 13.60 -10.52
N SER A 124 11.42 13.92 -9.39
CA SER A 124 10.91 14.79 -8.33
C SER A 124 10.59 16.22 -8.78
N ASP A 125 11.32 16.78 -9.74
CA ASP A 125 11.07 18.12 -10.32
C ASP A 125 10.18 18.08 -11.57
N VAL A 126 9.88 16.90 -12.11
CA VAL A 126 9.06 16.74 -13.32
C VAL A 126 7.59 16.82 -12.96
N LYS A 127 6.97 17.95 -13.25
CA LYS A 127 5.56 18.21 -13.02
C LYS A 127 4.71 17.88 -14.25
N LEU A 128 3.52 17.32 -14.05
CA LEU A 128 2.51 17.17 -15.10
C LEU A 128 1.45 18.26 -14.96
N LEU A 129 1.13 18.90 -16.07
CA LEU A 129 0.04 19.85 -16.18
C LEU A 129 -1.31 19.15 -16.38
N PRO A 130 -2.45 19.80 -16.08
CA PRO A 130 -3.78 19.21 -16.16
C PRO A 130 -4.12 18.43 -17.43
N PRO A 131 -3.78 18.87 -18.66
CA PRO A 131 -4.08 18.07 -19.85
C PRO A 131 -3.33 16.72 -19.87
N GLN A 132 -2.11 16.66 -19.35
CA GLN A 132 -1.38 15.39 -19.23
C GLN A 132 -2.01 14.49 -18.16
N GLU A 133 -2.50 15.05 -17.06
CA GLU A 133 -3.25 14.30 -16.05
C GLU A 133 -4.59 13.75 -16.61
N ILE A 134 -5.28 14.50 -17.46
CA ILE A 134 -6.45 14.02 -18.20
C ILE A 134 -6.11 12.83 -19.12
N LEU A 135 -4.97 12.85 -19.81
CA LEU A 135 -4.49 11.70 -20.57
C LEU A 135 -4.15 10.51 -19.66
N VAL A 136 -3.57 10.73 -18.48
CA VAL A 136 -3.34 9.68 -17.49
C VAL A 136 -4.65 9.00 -17.07
N ASP A 137 -5.70 9.77 -16.79
CA ASP A 137 -7.03 9.25 -16.48
C ASP A 137 -7.63 8.41 -17.62
N LYS A 138 -7.47 8.86 -18.87
CA LYS A 138 -7.90 8.11 -20.06
C LYS A 138 -7.14 6.81 -20.23
N LEU A 139 -5.81 6.82 -20.09
CA LEU A 139 -4.99 5.63 -20.16
C LEU A 139 -5.37 4.62 -19.08
N ALA A 140 -5.69 5.05 -17.87
CA ALA A 140 -6.08 4.16 -16.78
C ALA A 140 -7.43 3.48 -17.06
N GLU A 141 -8.42 4.25 -17.51
CA GLU A 141 -9.72 3.71 -17.95
C GLU A 141 -9.55 2.70 -19.09
N ASN A 142 -8.76 3.05 -20.10
CA ASN A 142 -8.46 2.14 -21.19
C ASN A 142 -7.72 0.88 -20.73
N ALA A 143 -6.76 1.00 -19.82
CA ALA A 143 -6.04 -0.15 -19.27
C ALA A 143 -6.98 -1.12 -18.56
N HIS A 144 -7.97 -0.60 -17.84
CA HIS A 144 -9.02 -1.42 -17.25
C HIS A 144 -9.84 -2.14 -18.32
N ASN A 145 -10.26 -1.44 -19.37
CA ASN A 145 -11.02 -2.05 -20.48
C ASN A 145 -10.23 -3.13 -21.22
N VAL A 146 -8.94 -2.94 -21.48
CA VAL A 146 -8.06 -3.95 -22.07
C VAL A 146 -7.98 -5.20 -21.18
N TRP A 147 -7.79 -5.02 -19.87
CA TRP A 147 -7.75 -6.12 -18.90
C TRP A 147 -9.08 -6.88 -18.87
N ALA A 148 -10.19 -6.16 -18.81
CA ALA A 148 -11.54 -6.71 -18.76
C ALA A 148 -11.89 -7.48 -20.04
N LYS A 149 -11.54 -6.97 -21.21
CA LYS A 149 -11.69 -7.68 -22.48
C LYS A 149 -10.92 -8.99 -22.50
N ASP A 150 -9.65 -8.98 -22.05
CA ASP A 150 -8.83 -10.19 -21.96
C ASP A 150 -9.39 -11.24 -21.01
N ARG A 151 -9.93 -10.84 -19.86
CA ARG A 151 -10.60 -11.76 -18.94
C ARG A 151 -11.90 -12.32 -19.52
N ILE A 152 -12.70 -11.49 -20.18
CA ILE A 152 -13.94 -11.92 -20.82
C ILE A 152 -13.67 -12.93 -21.95
N LYS A 153 -12.62 -12.73 -22.77
CA LYS A 153 -12.13 -13.69 -23.77
C LYS A 153 -11.61 -15.01 -23.20
N GLN A 154 -11.35 -15.08 -21.89
CA GLN A 154 -10.95 -16.29 -21.16
C GLN A 154 -12.08 -16.85 -20.28
N GLY A 155 -13.33 -16.42 -20.51
CA GLY A 155 -14.53 -16.96 -19.87
C GLY A 155 -14.97 -16.31 -18.56
N TRP A 156 -14.27 -15.28 -18.07
CA TRP A 156 -14.66 -14.60 -16.84
C TRP A 156 -15.93 -13.76 -17.00
N THR A 157 -16.64 -13.56 -15.90
CA THR A 157 -17.97 -13.01 -15.70
C THR A 157 -18.02 -12.14 -14.45
N TYR A 158 -18.88 -11.13 -14.31
CA TYR A 158 -19.05 -10.40 -13.06
C TYR A 158 -19.44 -11.31 -11.89
N GLY A 159 -18.72 -11.22 -10.78
CA GLY A 159 -19.04 -11.87 -9.49
C GLY A 159 -19.75 -10.89 -8.57
N ILE A 160 -20.92 -11.27 -8.07
CA ILE A 160 -21.81 -10.43 -7.29
C ILE A 160 -21.26 -10.12 -5.91
N GLN A 161 -20.48 -9.04 -5.84
CA GLN A 161 -19.57 -8.69 -4.74
C GLN A 161 -18.42 -9.67 -4.48
N GLN A 162 -18.57 -10.97 -4.76
CA GLN A 162 -17.62 -12.02 -4.36
C GLN A 162 -16.80 -12.59 -5.52
N ASP A 163 -15.47 -12.52 -5.41
CA ASP A 163 -14.54 -13.21 -6.29
C ASP A 163 -14.62 -14.73 -6.09
N LEU A 164 -14.41 -15.49 -7.17
CA LEU A 164 -14.31 -16.95 -7.12
C LEU A 164 -13.47 -17.41 -8.31
N LYS A 165 -12.34 -18.06 -8.01
CA LYS A 165 -11.32 -18.44 -9.00
C LYS A 165 -11.84 -19.30 -10.15
N ASN A 166 -13.00 -19.95 -9.98
CA ASN A 166 -13.78 -20.36 -11.13
C ASN A 166 -14.58 -19.20 -11.75
N LYS A 167 -13.80 -18.35 -12.42
CA LYS A 167 -14.25 -17.38 -13.43
C LYS A 167 -15.19 -16.25 -12.98
N ARG A 168 -15.40 -15.98 -11.69
CA ARG A 168 -16.15 -14.79 -11.28
C ARG A 168 -15.22 -13.74 -10.67
N ASN A 169 -15.29 -12.51 -11.17
CA ASN A 169 -14.51 -11.39 -10.63
C ASN A 169 -15.37 -10.12 -10.44
N PRO A 170 -15.45 -9.51 -9.26
CA PRO A 170 -16.23 -8.31 -9.03
C PRO A 170 -15.68 -7.04 -9.71
N ARG A 171 -14.42 -7.05 -10.18
CA ARG A 171 -13.83 -5.93 -10.92
C ARG A 171 -14.26 -5.86 -12.39
N LEU A 172 -15.04 -6.82 -12.88
CA LEU A 172 -15.71 -6.78 -14.18
C LEU A 172 -16.96 -5.90 -14.14
N VAL A 173 -16.73 -4.62 -13.92
CA VAL A 173 -17.69 -3.50 -13.98
C VAL A 173 -17.09 -2.37 -14.82
N PRO A 174 -17.90 -1.42 -15.34
CA PRO A 174 -17.38 -0.20 -15.92
C PRO A 174 -16.36 0.46 -14.99
N TYR A 175 -15.32 1.06 -15.54
CA TYR A 175 -14.25 1.72 -14.80
C TYR A 175 -14.78 2.70 -13.75
N ALA A 176 -15.85 3.44 -14.06
CA ALA A 176 -16.44 4.40 -13.15
C ALA A 176 -17.04 3.78 -11.88
N LEU A 177 -17.48 2.52 -11.90
CA LEU A 177 -18.05 1.82 -10.74
C LEU A 177 -17.00 1.15 -9.81
N LEU A 178 -15.70 1.19 -10.16
CA LEU A 178 -14.63 0.74 -9.27
C LEU A 178 -14.54 1.62 -8.03
N ASP A 179 -13.99 1.09 -6.94
CA ASP A 179 -13.69 1.97 -5.81
C ASP A 179 -12.57 2.96 -6.19
N GLU A 180 -12.65 4.15 -5.60
CA GLU A 180 -11.70 5.23 -5.87
C GLU A 180 -10.25 4.81 -5.61
N ARG A 181 -10.00 3.96 -4.61
CA ARG A 181 -8.67 3.37 -4.35
C ARG A 181 -8.14 2.51 -5.50
N THR A 182 -9.01 1.74 -6.14
CA THR A 182 -8.68 0.95 -7.33
C THR A 182 -8.32 1.87 -8.50
N LYS A 183 -9.14 2.89 -8.76
CA LYS A 183 -8.85 3.90 -9.77
C LYS A 183 -7.50 4.57 -9.52
N LYS A 184 -7.24 4.97 -8.27
CA LYS A 184 -5.97 5.56 -7.82
C LYS A 184 -4.79 4.67 -8.16
N SER A 185 -4.83 3.40 -7.78
CA SER A 185 -3.72 2.49 -8.03
C SER A 185 -3.40 2.32 -9.52
N ASN A 186 -4.42 2.22 -10.36
CA ASN A 186 -4.29 2.11 -11.82
C ASN A 186 -3.71 3.40 -12.44
N ARG A 187 -4.23 4.57 -12.04
CA ARG A 187 -3.71 5.89 -12.43
C ARG A 187 -2.25 6.08 -12.06
N ASP A 188 -1.84 5.73 -10.85
CA ASP A 188 -0.48 5.99 -10.35
C ASP A 188 0.59 5.29 -11.20
N SER A 189 0.32 4.08 -11.69
CA SER A 189 1.21 3.36 -12.62
C SER A 189 1.44 4.12 -13.94
N LEU A 190 0.36 4.59 -14.55
CA LEU A 190 0.38 5.29 -15.83
C LEU A 190 0.81 6.75 -15.71
N ARG A 191 0.59 7.40 -14.56
CA ARG A 191 1.13 8.73 -14.29
C ARG A 191 2.64 8.75 -14.35
N GLU A 192 3.29 7.79 -13.70
CA GLU A 192 4.74 7.69 -13.74
C GLU A 192 5.27 7.30 -15.12
N ALA A 193 4.50 6.58 -15.94
CA ALA A 193 4.83 6.37 -17.35
C ALA A 193 4.82 7.68 -18.16
N VAL A 194 3.75 8.47 -18.08
CA VAL A 194 3.66 9.78 -18.75
C VAL A 194 4.72 10.74 -18.23
N ARG A 195 4.96 10.78 -16.93
CA ARG A 195 6.05 11.52 -16.29
C ARG A 195 7.42 11.11 -16.80
N THR A 196 7.64 9.82 -17.02
CA THR A 196 8.87 9.31 -17.64
C THR A 196 9.06 9.87 -19.05
N PHE A 197 8.04 9.85 -19.90
CA PHE A 197 8.06 10.50 -21.22
C PHE A 197 8.47 11.97 -21.14
N VAL A 198 7.80 12.74 -20.29
CA VAL A 198 8.12 14.16 -20.09
C VAL A 198 9.54 14.38 -19.55
N GLY A 199 10.04 13.49 -18.70
CA GLY A 199 11.42 13.51 -18.17
C GLY A 199 12.51 13.34 -19.23
N TYR A 200 12.27 12.56 -20.28
CA TYR A 200 13.13 12.44 -21.47
C TYR A 200 12.92 13.58 -22.49
N GLY A 201 12.13 14.61 -22.16
CA GLY A 201 11.99 15.81 -22.98
C GLY A 201 10.89 15.75 -24.04
N TYR A 202 9.88 14.91 -23.85
CA TYR A 202 8.73 14.84 -24.74
C TYR A 202 7.58 15.74 -24.28
N ASN A 203 6.94 16.43 -25.21
CA ASN A 203 5.57 16.87 -25.02
C ASN A 203 4.62 15.77 -25.48
N ILE A 204 3.55 15.55 -24.72
CA ILE A 204 2.48 14.60 -25.04
C ILE A 204 1.19 15.37 -24.88
N GLU A 205 0.58 15.76 -25.99
CA GLU A 205 -0.53 16.69 -25.98
C GLU A 205 -1.78 16.00 -26.53
N PRO A 206 -2.97 16.25 -25.97
CA PRO A 206 -4.22 15.73 -26.51
C PRO A 206 -4.46 16.15 -27.96
N SER A 207 -5.28 15.40 -28.67
CA SER A 207 -5.74 15.74 -30.03
C SER A 207 -6.57 17.02 -30.08
N ASP A 208 -6.64 17.65 -31.25
CA ASP A 208 -7.56 18.72 -31.64
C ASP A 208 -8.97 18.19 -31.82
N CYS B 5 -14.57 -6.79 33.33
CA CYS B 5 -14.95 -5.72 32.41
C CYS B 5 -14.47 -5.94 30.96
N PRO B 6 -13.14 -6.09 30.75
CA PRO B 6 -12.81 -6.31 29.33
C PRO B 6 -13.42 -7.60 28.74
N VAL B 7 -13.52 -7.66 27.42
CA VAL B 7 -13.91 -8.86 26.67
C VAL B 7 -12.89 -9.96 26.95
N ASP B 8 -13.37 -11.12 27.38
CA ASP B 8 -12.51 -12.24 27.73
C ASP B 8 -12.05 -12.99 26.48
N THR B 9 -10.79 -12.83 26.15
CA THR B 9 -10.11 -13.46 25.00
C THR B 9 -9.32 -14.71 25.39
N SER B 10 -9.28 -15.07 26.67
CA SER B 10 -8.41 -16.12 27.21
C SER B 10 -8.60 -17.51 26.60
N GLN B 11 -9.80 -17.84 26.13
CA GLN B 11 -10.15 -19.12 25.53
C GLN B 11 -10.28 -19.07 24.00
N VAL B 12 -10.14 -17.90 23.37
CA VAL B 12 -10.12 -17.78 21.90
C VAL B 12 -8.80 -18.33 21.35
N ILE B 13 -8.89 -19.21 20.35
CA ILE B 13 -7.78 -19.71 19.54
C ILE B 13 -7.78 -18.88 18.26
N LEU B 14 -6.66 -18.27 17.87
CA LEU B 14 -6.60 -17.59 16.58
C LEU B 14 -6.68 -18.61 15.43
N PRO B 15 -7.70 -18.55 14.55
CA PRO B 15 -7.82 -19.44 13.41
C PRO B 15 -6.62 -19.34 12.48
N PRO B 16 -6.07 -20.44 11.94
CA PRO B 16 -4.93 -20.41 11.04
C PRO B 16 -5.10 -19.49 9.82
N HIS B 17 -6.30 -19.37 9.26
CA HIS B 17 -6.57 -18.45 8.14
C HIS B 17 -6.41 -16.96 8.48
N LEU B 18 -6.29 -16.57 9.75
CA LEU B 18 -6.06 -15.19 10.19
C LEU B 18 -4.60 -14.89 10.56
N GLU B 19 -3.70 -15.86 10.52
CA GLU B 19 -2.30 -15.68 10.90
C GLU B 19 -1.56 -14.67 10.01
N LYS B 20 -1.69 -14.77 8.70
CA LYS B 20 -1.05 -13.83 7.79
C LYS B 20 -1.50 -12.38 7.99
N ILE B 21 -2.80 -12.12 8.09
CA ILE B 21 -3.29 -10.75 8.35
C ILE B 21 -2.91 -10.25 9.75
N ARG B 22 -2.84 -11.13 10.75
CA ARG B 22 -2.27 -10.80 12.06
C ARG B 22 -0.84 -10.31 11.90
N ASP B 23 -0.02 -11.00 11.13
CA ASP B 23 1.37 -10.61 10.86
C ASP B 23 1.44 -9.26 10.13
N ARG B 24 0.62 -9.04 9.09
CA ARG B 24 0.56 -7.77 8.34
C ARG B 24 0.17 -6.59 9.23
N LEU B 25 -0.80 -6.77 10.12
CA LEU B 25 -1.21 -5.74 11.08
C LEU B 25 -0.09 -5.45 12.09
N ALA B 26 0.60 -6.45 12.61
CA ALA B 26 1.72 -6.25 13.52
C ALA B 26 2.83 -5.40 12.88
N GLU B 27 3.15 -5.67 11.62
CA GLU B 27 4.10 -4.86 10.84
C GLU B 27 3.63 -3.40 10.74
N ASN B 28 2.36 -3.15 10.44
CA ASN B 28 1.87 -1.77 10.31
C ASN B 28 1.77 -1.03 11.64
N ILE B 29 1.44 -1.72 12.73
CA ILE B 29 1.47 -1.15 14.08
C ILE B 29 2.86 -0.58 14.38
N HIS B 30 3.92 -1.33 14.06
CA HIS B 30 5.29 -0.88 14.22
C HIS B 30 5.62 0.37 13.39
N GLU B 31 5.21 0.42 12.13
CA GLU B 31 5.45 1.59 11.28
C GLU B 31 4.76 2.85 11.81
N LEU B 32 3.53 2.72 12.29
CA LEU B 32 2.77 3.82 12.89
C LEU B 32 3.44 4.30 14.19
N TRP B 33 3.90 3.39 15.04
CA TRP B 33 4.69 3.70 16.22
C TRP B 33 5.97 4.47 15.87
N GLY B 34 6.71 4.02 14.86
CA GLY B 34 7.98 4.63 14.45
C GLY B 34 7.78 6.03 13.90
N MET B 35 6.74 6.22 13.10
CA MET B 35 6.37 7.52 12.57
C MET B 35 6.05 8.52 13.68
N ASN B 36 5.23 8.12 14.64
CA ASN B 36 4.88 8.98 15.77
C ASN B 36 6.09 9.35 16.63
N LYS B 37 6.94 8.38 17.00
CA LYS B 37 8.16 8.66 17.78
C LYS B 37 9.06 9.67 17.08
N ILE B 38 9.25 9.53 15.77
CA ILE B 38 10.07 10.47 15.01
C ILE B 38 9.44 11.87 14.96
N GLU B 39 8.13 12.02 14.84
CA GLU B 39 7.45 13.32 14.96
C GLU B 39 7.66 13.94 16.35
N LEU B 40 7.64 13.14 17.41
CA LEU B 40 7.94 13.54 18.79
C LEU B 40 9.44 13.68 19.12
N GLY B 41 10.31 13.82 18.13
CA GLY B 41 11.73 14.15 18.31
C GLY B 41 12.63 12.96 18.64
N TRP B 42 12.15 11.72 18.50
CA TRP B 42 13.00 10.54 18.71
C TRP B 42 13.86 10.17 17.51
N THR B 43 15.02 9.58 17.79
CA THR B 43 16.02 9.14 16.82
C THR B 43 16.59 7.78 17.19
N PHE B 44 17.30 7.11 16.28
CA PHE B 44 17.93 5.82 16.58
C PHE B 44 19.08 5.93 17.59
N GLY B 45 19.13 4.99 18.53
CA GLY B 45 20.33 4.69 19.30
C GLY B 45 20.31 3.27 19.84
N LYS B 46 21.47 2.67 20.03
CA LYS B 46 21.63 1.27 20.41
C LYS B 46 21.06 0.92 21.79
N ILE B 47 21.01 1.90 22.70
CA ILE B 47 20.46 1.79 24.04
C ILE B 47 19.42 2.90 24.21
N ARG B 48 18.25 2.54 24.76
CA ARG B 48 17.18 3.49 25.00
C ARG B 48 17.63 4.58 25.97
N ASP B 49 17.33 5.82 25.61
CA ASP B 49 17.63 7.01 26.39
C ASP B 49 16.46 8.00 26.27
N ASP B 50 15.66 8.10 27.33
CA ASP B 50 14.49 8.95 27.36
C ASP B 50 14.82 10.44 27.35
N ASN B 51 16.00 10.85 27.82
CA ASN B 51 16.43 12.24 27.83
C ASN B 51 16.88 12.67 26.44
N LYS B 52 17.73 11.88 25.78
CA LYS B 52 18.15 12.11 24.40
C LYS B 52 17.09 11.77 23.36
N ARG B 53 16.01 11.10 23.79
CA ARG B 53 14.98 10.53 22.93
C ARG B 53 15.61 9.62 21.87
N GLN B 54 16.42 8.67 22.31
CA GLN B 54 17.00 7.65 21.46
C GLN B 54 16.34 6.30 21.71
N HIS B 55 15.99 5.56 20.65
CA HIS B 55 15.34 4.26 20.77
C HIS B 55 15.96 3.17 19.87
N PRO B 56 16.25 1.95 20.38
CA PRO B 56 16.76 0.85 19.56
C PRO B 56 15.76 0.26 18.58
N CYS B 57 14.46 0.43 18.82
CA CYS B 57 13.42 -0.13 17.97
C CYS B 57 13.09 0.73 16.74
N LEU B 58 13.73 1.87 16.51
CA LEU B 58 13.68 2.61 15.25
C LEU B 58 14.53 1.91 14.17
N VAL B 59 14.09 0.71 13.83
CA VAL B 59 14.64 -0.22 12.83
C VAL B 59 13.48 -0.84 12.05
N GLU B 60 13.78 -1.48 10.92
CA GLU B 60 12.81 -2.29 10.19
C GLU B 60 12.24 -3.42 11.07
N PHE B 61 10.99 -3.80 10.83
CA PHE B 61 10.34 -4.85 11.61
C PHE B 61 11.14 -6.16 11.61
N SER B 62 11.67 -6.58 10.46
CA SER B 62 12.47 -7.80 10.34
C SER B 62 13.78 -7.77 11.15
N LYS B 63 14.34 -6.58 11.40
CA LYS B 63 15.54 -6.37 12.18
C LYS B 63 15.29 -6.14 13.68
N LEU B 64 14.04 -6.06 14.13
CA LEU B 64 13.72 -6.02 15.55
C LEU B 64 14.23 -7.28 16.27
N PRO B 65 14.58 -7.21 17.56
CA PRO B 65 14.74 -8.41 18.36
C PRO B 65 13.42 -9.16 18.45
N GLU B 66 13.48 -10.49 18.54
CA GLU B 66 12.29 -11.35 18.52
C GLU B 66 11.29 -10.99 19.62
N THR B 67 11.76 -10.55 20.78
CA THR B 67 10.91 -10.06 21.88
C THR B 67 10.05 -8.85 21.49
N GLU B 68 10.52 -7.97 20.62
CA GLU B 68 9.79 -6.81 20.11
C GLU B 68 8.91 -7.13 18.90
N LYS B 69 9.33 -8.06 18.03
CA LYS B 69 8.43 -8.65 17.04
C LYS B 69 7.23 -9.28 17.73
N ASN B 70 7.50 -10.10 18.74
CA ASN B 70 6.50 -10.80 19.52
C ASN B 70 5.53 -9.82 20.22
N TYR B 71 6.01 -8.70 20.75
CA TYR B 71 5.13 -7.69 21.35
C TYR B 71 4.11 -7.10 20.36
N ASN B 72 4.56 -6.74 19.16
CA ASN B 72 3.68 -6.28 18.08
C ASN B 72 2.72 -7.36 17.60
N LEU B 73 3.18 -8.61 17.49
CA LEU B 73 2.37 -9.77 17.15
C LEU B 73 1.30 -10.05 18.21
N GLN B 74 1.62 -9.89 19.48
CA GLN B 74 0.66 -10.04 20.58
C GLN B 74 -0.43 -8.98 20.51
N MET B 75 -0.08 -7.72 20.27
CA MET B 75 -1.06 -6.64 20.11
C MET B 75 -2.03 -6.89 18.95
N SER B 76 -1.50 -7.29 17.79
CA SER B 76 -2.30 -7.65 16.62
C SER B 76 -3.24 -8.84 16.87
N THR B 77 -2.71 -9.89 17.50
CA THR B 77 -3.49 -11.09 17.84
C THR B 77 -4.65 -10.75 18.77
N GLU B 78 -4.44 -9.90 19.78
CA GLU B 78 -5.49 -9.48 20.71
C GLU B 78 -6.63 -8.72 20.03
N THR B 79 -6.33 -7.88 19.05
CA THR B 79 -7.38 -7.19 18.27
C THR B 79 -8.25 -8.18 17.50
N LEU B 80 -7.65 -9.13 16.80
CA LEU B 80 -8.38 -10.18 16.09
C LEU B 80 -9.15 -11.08 17.05
N LYS B 81 -8.55 -11.52 18.15
CA LYS B 81 -9.24 -12.29 19.19
C LYS B 81 -10.40 -11.53 19.80
N THR B 82 -10.29 -10.23 19.99
CA THR B 82 -11.40 -9.40 20.50
C THR B 82 -12.58 -9.34 19.52
N LEU B 83 -12.33 -9.19 18.22
CA LEU B 83 -13.38 -9.29 17.22
C LEU B 83 -14.06 -10.66 17.22
N LEU B 84 -13.29 -11.74 17.28
CA LEU B 84 -13.83 -13.09 17.32
C LEU B 84 -14.66 -13.32 18.59
N ALA B 85 -14.20 -12.84 19.74
CA ALA B 85 -14.91 -12.93 21.01
C ALA B 85 -16.26 -12.17 20.99
N LEU B 86 -16.33 -11.03 20.30
CA LEU B 86 -17.58 -10.29 20.02
C LEU B 86 -18.50 -11.01 19.02
N GLY B 87 -18.09 -12.14 18.47
CA GLY B 87 -18.85 -12.95 17.54
C GLY B 87 -18.65 -12.60 16.07
N CYS B 88 -17.70 -11.75 15.71
CA CYS B 88 -17.42 -11.42 14.32
C CYS B 88 -16.85 -12.62 13.56
N HIS B 89 -17.05 -12.67 12.25
CA HIS B 89 -16.39 -13.59 11.34
C HIS B 89 -15.61 -12.83 10.28
N ILE B 90 -14.35 -13.21 10.11
CA ILE B 90 -13.37 -12.50 9.30
C ILE B 90 -12.88 -13.42 8.19
N ALA B 91 -13.05 -13.04 6.93
CA ALA B 91 -12.67 -13.87 5.79
C ALA B 91 -12.07 -13.08 4.63
N HIS B 92 -11.17 -13.70 3.87
CA HIS B 92 -10.39 -13.10 2.79
C HIS B 92 -11.20 -13.00 1.48
N VAL B 93 -12.32 -12.27 1.53
CA VAL B 93 -13.32 -12.24 0.46
C VAL B 93 -12.88 -11.46 -0.79
N ASN B 94 -11.93 -10.54 -0.70
CA ASN B 94 -11.55 -9.64 -1.79
C ASN B 94 -10.03 -9.56 -1.97
N PRO B 95 -9.32 -10.64 -2.33
CA PRO B 95 -7.86 -10.66 -2.41
C PRO B 95 -7.25 -9.56 -3.28
N ALA B 96 -7.93 -9.16 -4.35
CA ALA B 96 -7.46 -8.15 -5.28
C ALA B 96 -7.24 -6.77 -4.63
N ALA B 97 -7.86 -6.49 -3.47
CA ALA B 97 -7.62 -5.27 -2.72
C ALA B 97 -6.15 -5.08 -2.36
N GLU B 98 -5.43 -6.17 -2.08
CA GLU B 98 -4.01 -6.11 -1.73
C GLU B 98 -3.15 -5.54 -2.85
N GLU B 99 -3.55 -5.68 -4.12
CA GLU B 99 -2.87 -5.09 -5.27
C GLU B 99 -2.96 -3.56 -5.31
N ASP B 100 -3.94 -2.96 -4.65
CA ASP B 100 -4.11 -1.50 -4.57
C ASP B 100 -3.27 -0.84 -3.45
N LEU B 101 -2.66 -1.62 -2.55
CA LEU B 101 -1.92 -1.08 -1.41
C LEU B 101 -0.68 -0.28 -1.83
N LYS B 102 -0.40 0.77 -1.08
CA LYS B 102 0.83 1.56 -1.17
C LYS B 102 1.22 2.06 0.22
N LYS B 103 2.50 2.24 0.46
CA LYS B 103 3.01 2.91 1.66
C LYS B 103 2.93 4.42 1.50
N VAL B 104 2.75 5.14 2.61
CA VAL B 104 3.01 6.59 2.64
C VAL B 104 4.50 6.83 2.44
N LYS B 105 4.85 7.84 1.64
CA LYS B 105 6.23 8.28 1.42
C LYS B 105 6.49 9.56 2.21
N LEU B 106 7.15 9.41 3.37
CA LEU B 106 7.50 10.51 4.25
C LEU B 106 8.74 11.25 3.71
N PRO B 107 8.88 12.55 3.99
CA PRO B 107 10.03 13.33 3.57
C PRO B 107 11.33 12.88 4.26
N LYS B 108 12.48 13.26 3.70
CA LYS B 108 13.78 12.72 4.05
C LYS B 108 14.20 12.94 5.52
N ASN B 109 13.62 13.93 6.20
CA ASN B 109 13.86 14.18 7.62
C ASN B 109 13.27 13.09 8.54
N TYR B 110 12.41 12.18 8.06
CA TYR B 110 12.01 10.99 8.80
C TYR B 110 13.00 9.82 8.73
N MET B 111 14.08 9.90 7.95
CA MET B 111 15.10 8.86 7.93
C MET B 111 16.06 8.95 9.10
N MET B 112 16.26 7.83 9.76
CA MET B 112 17.18 7.62 10.88
C MET B 112 18.61 7.37 10.41
N SER B 113 19.58 7.49 11.32
CA SER B 113 21.01 7.34 11.00
C SER B 113 21.39 5.92 10.56
N ASN B 114 20.58 4.92 10.90
CA ASN B 114 20.70 3.53 10.45
C ASN B 114 20.02 3.23 9.10
N GLY B 115 19.48 4.24 8.42
CA GLY B 115 18.76 4.08 7.15
C GLY B 115 17.30 3.63 7.26
N TYR B 116 16.77 3.39 8.46
CA TYR B 116 15.34 3.15 8.65
C TYR B 116 14.52 4.45 8.45
N LYS B 117 13.50 4.40 7.60
CA LYS B 117 12.44 5.40 7.49
C LYS B 117 11.09 4.70 7.66
N PRO B 118 10.24 5.11 8.60
CA PRO B 118 8.90 4.57 8.71
C PRO B 118 8.13 4.70 7.41
N ALA B 119 7.28 3.74 7.12
CA ALA B 119 6.36 3.80 6.00
C ALA B 119 5.10 2.98 6.31
N PRO B 120 4.15 3.53 7.07
CA PRO B 120 2.83 2.95 7.21
C PRO B 120 2.13 2.72 5.88
N LEU B 121 1.17 1.82 5.84
CA LEU B 121 0.22 1.73 4.73
C LEU B 121 -0.52 3.06 4.60
N ASP B 122 -0.73 3.54 3.37
CA ASP B 122 -1.66 4.64 3.14
C ASP B 122 -3.09 4.12 3.09
N LEU B 123 -3.78 4.22 4.21
CA LEU B 123 -5.16 3.80 4.39
C LEU B 123 -6.13 4.99 4.48
N SER B 124 -5.67 6.20 4.13
CA SER B 124 -6.43 7.45 4.27
C SER B 124 -7.76 7.38 3.54
N ASP B 125 -7.77 6.74 2.37
CA ASP B 125 -8.84 6.49 1.41
C ASP B 125 -9.83 5.39 1.81
N VAL B 126 -9.50 4.55 2.80
CA VAL B 126 -10.32 3.38 3.14
C VAL B 126 -11.55 3.84 3.93
N LYS B 127 -12.67 4.07 3.25
CA LYS B 127 -13.94 4.41 3.88
C LYS B 127 -14.64 3.18 4.45
N LEU B 128 -14.72 3.08 5.78
CA LEU B 128 -15.47 2.04 6.45
C LEU B 128 -16.97 2.34 6.40
N LEU B 129 -17.77 1.31 6.12
CA LEU B 129 -19.23 1.37 6.20
C LEU B 129 -19.70 1.40 7.66
N PRO B 130 -20.92 1.89 7.94
CA PRO B 130 -21.43 2.02 9.30
C PRO B 130 -21.25 0.80 10.22
N PRO B 131 -21.52 -0.45 9.83
CA PRO B 131 -21.30 -1.59 10.71
C PRO B 131 -19.82 -1.82 11.07
N GLN B 132 -18.87 -1.48 10.21
CA GLN B 132 -17.45 -1.57 10.54
C GLN B 132 -16.99 -0.41 11.44
N GLU B 133 -17.57 0.78 11.31
CA GLU B 133 -17.33 1.87 12.27
C GLU B 133 -17.87 1.54 13.67
N ILE B 134 -19.03 0.88 13.82
CA ILE B 134 -19.54 0.30 15.07
C ILE B 134 -18.51 -0.61 15.75
N LEU B 135 -17.93 -1.49 14.94
CA LEU B 135 -16.91 -2.40 15.42
C LEU B 135 -15.67 -1.66 15.91
N VAL B 136 -15.23 -0.59 15.23
CA VAL B 136 -14.17 0.28 15.74
C VAL B 136 -14.53 0.90 17.11
N ASP B 137 -15.77 1.37 17.28
CA ASP B 137 -16.27 1.85 18.58
C ASP B 137 -16.18 0.78 19.68
N LYS B 138 -16.59 -0.46 19.38
CA LYS B 138 -16.55 -1.59 20.31
C LYS B 138 -15.11 -1.90 20.73
N LEU B 139 -14.19 -1.94 19.78
CA LEU B 139 -12.77 -2.14 20.05
C LEU B 139 -12.17 -0.99 20.89
N ALA B 140 -12.56 0.25 20.61
CA ALA B 140 -12.09 1.41 21.35
C ALA B 140 -12.62 1.44 22.79
N GLU B 141 -13.88 1.10 22.99
CA GLU B 141 -14.48 0.89 24.31
C GLU B 141 -13.74 -0.22 25.07
N ASN B 142 -13.53 -1.36 24.42
CA ASN B 142 -12.82 -2.46 25.05
C ASN B 142 -11.38 -2.07 25.42
N ALA B 143 -10.67 -1.34 24.57
CA ALA B 143 -9.31 -0.89 24.86
C ALA B 143 -9.27 0.05 26.08
N HIS B 144 -10.29 0.87 26.26
CA HIS B 144 -10.49 1.64 27.49
C HIS B 144 -10.73 0.76 28.72
N ASN B 145 -11.56 -0.28 28.60
CA ASN B 145 -11.82 -1.22 29.69
C ASN B 145 -10.56 -2.01 30.08
N VAL B 146 -9.72 -2.39 29.12
CA VAL B 146 -8.40 -3.00 29.38
C VAL B 146 -7.48 -2.01 30.09
N TRP B 147 -7.39 -0.76 29.64
CA TRP B 147 -6.62 0.27 30.31
C TRP B 147 -7.11 0.47 31.76
N ALA B 148 -8.40 0.65 31.96
CA ALA B 148 -9.01 0.79 33.27
C ALA B 148 -8.80 -0.41 34.20
N LYS B 149 -8.57 -1.62 33.69
CA LYS B 149 -8.34 -2.80 34.53
C LYS B 149 -6.88 -2.96 35.02
N ASP B 150 -5.86 -2.52 34.29
CA ASP B 150 -4.45 -2.89 34.49
C ASP B 150 -3.80 -2.35 35.79
N ARG B 151 -3.80 -3.13 36.89
CA ARG B 151 -3.57 -2.65 38.27
C ARG B 151 -4.54 -1.55 38.69
N ILE B 152 -5.67 -1.50 37.98
CA ILE B 152 -6.46 -0.32 37.71
C ILE B 152 -5.56 0.78 37.10
N LYS B 153 -5.40 0.74 35.78
CA LYS B 153 -4.49 1.57 34.98
C LYS B 153 -3.09 1.78 35.59
N GLY B 159 0.25 10.07 43.94
CA GLY B 159 -0.17 11.23 43.16
C GLY B 159 -1.68 11.26 42.90
N ILE B 160 -2.18 12.37 42.37
CA ILE B 160 -3.61 12.57 42.07
C ILE B 160 -3.89 13.60 40.97
N GLN B 161 -4.64 13.23 39.93
CA GLN B 161 -4.81 14.06 38.74
C GLN B 161 -5.93 15.12 38.77
N GLN B 162 -7.13 14.87 39.32
CA GLN B 162 -8.18 15.89 39.50
C GLN B 162 -9.52 15.31 40.01
N ASP B 163 -9.91 15.52 41.25
CA ASP B 163 -11.11 14.91 41.89
C ASP B 163 -11.01 13.37 42.00
N LEU B 164 -11.10 12.68 40.85
CA LEU B 164 -10.50 11.38 40.54
C LEU B 164 -10.93 10.09 41.25
N LYS B 165 -10.49 8.95 40.68
CA LYS B 165 -10.91 7.56 40.99
C LYS B 165 -9.69 6.59 41.02
N ASN B 166 -9.81 5.40 41.61
CA ASN B 166 -8.67 4.58 42.09
C ASN B 166 -7.71 5.40 42.97
N LYS B 167 -6.39 5.24 42.85
CA LYS B 167 -5.33 6.17 43.31
C LYS B 167 -5.28 7.46 42.49
N ARG B 168 -6.46 8.04 42.30
CA ARG B 168 -6.78 9.35 41.73
C ARG B 168 -6.30 9.57 40.29
N ASN B 169 -7.00 8.96 39.33
CA ASN B 169 -7.05 9.40 37.92
C ASN B 169 -8.51 9.68 37.48
N PRO B 170 -8.84 10.84 36.92
CA PRO B 170 -10.20 11.19 36.49
C PRO B 170 -10.68 10.49 35.20
N ARG B 171 -9.80 9.88 34.41
CA ARG B 171 -10.19 9.08 33.25
C ARG B 171 -10.70 7.69 33.62
N LEU B 172 -10.66 7.30 34.90
CA LEU B 172 -11.23 6.04 35.40
C LEU B 172 -12.74 6.13 35.63
N VAL B 173 -13.45 6.26 34.51
CA VAL B 173 -14.91 6.32 34.37
C VAL B 173 -15.34 5.39 33.24
N PRO B 174 -16.63 5.02 33.14
CA PRO B 174 -17.16 4.32 31.98
C PRO B 174 -16.87 5.05 30.67
N TYR B 175 -16.67 4.29 29.59
CA TYR B 175 -16.28 4.82 28.28
C TYR B 175 -17.25 5.90 27.76
N ALA B 176 -18.55 5.74 27.98
CA ALA B 176 -19.58 6.69 27.60
C ALA B 176 -19.41 8.09 28.22
N LEU B 177 -18.76 8.17 29.39
CA LEU B 177 -18.51 9.41 30.12
C LEU B 177 -17.15 10.03 29.79
N LEU B 178 -16.32 9.38 28.98
CA LEU B 178 -15.09 10.01 28.53
C LEU B 178 -15.34 11.21 27.62
N ASP B 179 -14.41 12.15 27.71
CA ASP B 179 -14.15 13.21 26.76
C ASP B 179 -14.06 12.67 25.33
N GLU B 180 -14.86 13.16 24.39
CA GLU B 180 -14.75 12.78 22.97
C GLU B 180 -13.37 13.12 22.38
N ARG B 181 -12.69 14.15 22.88
CA ARG B 181 -11.32 14.43 22.49
C ARG B 181 -10.35 13.35 22.98
N THR B 182 -10.41 12.97 24.26
CA THR B 182 -9.61 11.90 24.86
C THR B 182 -9.82 10.53 24.21
N LYS B 183 -11.01 10.24 23.67
CA LYS B 183 -11.28 9.02 22.89
C LYS B 183 -10.47 8.91 21.59
N LYS B 184 -10.12 10.04 20.96
CA LYS B 184 -9.72 10.11 19.57
C LYS B 184 -8.47 9.31 19.24
N SER B 185 -7.38 9.45 20.00
CA SER B 185 -6.11 8.76 19.72
C SER B 185 -6.28 7.25 19.61
N ASN B 186 -6.96 6.62 20.58
CA ASN B 186 -7.20 5.19 20.56
C ASN B 186 -8.17 4.77 19.46
N ARG B 187 -9.26 5.52 19.23
CA ARG B 187 -10.19 5.19 18.16
C ARG B 187 -9.55 5.31 16.79
N ASP B 188 -8.73 6.32 16.53
CA ASP B 188 -7.98 6.45 15.27
C ASP B 188 -7.00 5.30 15.05
N SER B 189 -6.31 4.85 16.10
CA SER B 189 -5.44 3.68 16.06
C SER B 189 -6.18 2.40 15.69
N LEU B 190 -7.33 2.15 16.31
CA LEU B 190 -8.16 0.97 16.02
C LEU B 190 -8.90 1.06 14.68
N ARG B 191 -9.22 2.27 14.21
CA ARG B 191 -9.69 2.43 12.85
C ARG B 191 -8.60 2.13 11.84
N GLU B 192 -7.33 2.44 12.07
CA GLU B 192 -6.25 1.96 11.20
C GLU B 192 -6.15 0.44 11.20
N ALA B 193 -6.36 -0.22 12.34
CA ALA B 193 -6.37 -1.68 12.40
C ALA B 193 -7.48 -2.27 11.54
N VAL B 194 -8.73 -1.80 11.68
CA VAL B 194 -9.85 -2.28 10.86
C VAL B 194 -9.66 -1.92 9.38
N ARG B 195 -9.17 -0.73 9.07
CA ARG B 195 -8.78 -0.33 7.71
C ARG B 195 -7.71 -1.25 7.13
N THR B 196 -6.78 -1.74 7.95
CA THR B 196 -5.73 -2.68 7.51
C THR B 196 -6.37 -3.98 7.02
N PHE B 197 -7.30 -4.55 7.77
CA PHE B 197 -8.05 -5.74 7.33
C PHE B 197 -8.75 -5.53 5.98
N VAL B 198 -9.46 -4.42 5.83
CA VAL B 198 -10.16 -4.06 4.59
C VAL B 198 -9.19 -3.89 3.42
N GLY B 199 -8.07 -3.22 3.65
CA GLY B 199 -7.04 -2.93 2.64
C GLY B 199 -6.30 -4.16 2.12
N TYR B 200 -6.19 -5.20 2.93
CA TYR B 200 -5.71 -6.53 2.51
C TYR B 200 -6.82 -7.46 1.97
N GLY B 201 -8.07 -7.01 1.91
CA GLY B 201 -9.16 -7.76 1.28
C GLY B 201 -9.98 -8.65 2.20
N TYR B 202 -9.94 -8.44 3.51
CA TYR B 202 -10.79 -9.14 4.46
C TYR B 202 -12.10 -8.39 4.71
N ASN B 203 -13.20 -9.11 4.95
CA ASN B 203 -14.40 -8.56 5.55
C ASN B 203 -14.37 -8.74 7.08
N ILE B 204 -15.10 -7.92 7.82
CA ILE B 204 -15.29 -8.07 9.27
C ILE B 204 -16.79 -8.09 9.53
N GLU B 205 -17.41 -9.25 9.45
CA GLU B 205 -18.84 -9.41 9.58
C GLU B 205 -19.27 -9.38 11.06
N PRO B 206 -20.16 -8.48 11.49
CA PRO B 206 -20.73 -8.48 12.82
C PRO B 206 -21.40 -9.82 13.20
N SER B 207 -21.62 -10.03 14.49
CA SER B 207 -22.37 -11.17 15.02
C SER B 207 -23.78 -11.30 14.45
C1 GOL C . -16.26 -5.12 -17.71
O1 GOL C . -15.32 -4.38 -16.95
C2 GOL C . -17.41 -4.21 -18.20
O2 GOL C . -18.33 -3.91 -17.16
C3 GOL C . -16.91 -2.90 -18.83
O3 GOL C . -18.03 -2.22 -19.41
C1 GOL D . 9.37 -0.69 20.94
O1 GOL D . 8.35 -0.19 21.80
C2 GOL D . 8.77 -1.55 19.81
O2 GOL D . 7.95 -2.57 20.37
C3 GOL D . 7.97 -0.66 18.83
O3 GOL D . 7.30 -1.41 17.82
C1 GOL E . -4.02 -2.06 17.24
O1 GOL E . -3.71 -3.41 17.56
C2 GOL E . -3.99 -1.23 18.54
O2 GOL E . -4.71 -1.97 19.54
C3 GOL E . -2.54 -0.95 19.01
O3 GOL E . -1.96 0.13 18.29
C1 GOL F . -2.09 6.21 7.09
O1 GOL F . -3.24 5.49 6.71
C2 GOL F . -2.47 7.19 8.21
O2 GOL F . -1.34 7.52 9.02
C3 GOL F . -3.18 8.45 7.63
O3 GOL F . -4.29 8.83 8.46
#